data_5YSZ
#
_entry.id   5YSZ
#
_cell.length_a   77.577
_cell.length_b   122.428
_cell.length_c   47.498
_cell.angle_alpha   90.000
_cell.angle_beta   121.460
_cell.angle_gamma   90.000
#
_symmetry.space_group_name_H-M   'C 1 2 1'
#
loop_
_entity.id
_entity.type
_entity.pdbx_description
1 polymer 'Transcriptional regulator, LacI family'
2 branched beta-D-glucopyranose-(1-4)-beta-D-glucopyranose
3 non-polymer GLYCEROL
4 water water
#
_entity_poly.entity_id   1
_entity_poly.type   'polypeptide(L)'
_entity_poly.pdbx_seq_one_letter_code
;MGSSHHHHHHSSGLVPRGSHMERRRRPTLEMVAALAGVGRGTVSRVINGSDQVSPATREAVKRAIKELGYVPNRAARTLV
TRRTDTVALVVSENNQKLFAEPFYAGIVLGVGVALSERGFQFVLATGRSGIEHERLGGYLAGQHVDGVLLLSLHRDDPLP
QMLDEAGVPYVYGGRPLGVPEEQVSYVDIDNIGGGRQATQRLIETGHRRIATIAGPQDMVAGVERLQGYREALLAAGMEY
DETLVSYGDFTYDSGVAAMRELLDRAPDVDAVFAASDLMGLAALRVLRASGRRVPEDVAVVGYDDSTVAEHAEPPMTSVN
QPTELMGREMARLLVDRITGETTEPVRLVLETHLMVRESG
;
_entity_poly.pdbx_strand_id   A
#
# COMPACT_ATOMS: atom_id res chain seq x y z
N ARG A 26 -10.30 -12.99 -27.07
CA ARG A 26 -10.50 -11.61 -26.67
C ARG A 26 -9.19 -10.83 -26.82
N PRO A 27 -9.21 -9.71 -27.55
CA PRO A 27 -7.96 -8.98 -27.80
C PRO A 27 -7.30 -8.53 -26.50
N THR A 28 -5.98 -8.63 -26.49
CA THR A 28 -5.15 -8.31 -25.33
C THR A 28 -4.27 -7.11 -25.61
N LEU A 29 -3.75 -6.53 -24.53
CA LEU A 29 -2.74 -5.49 -24.65
C LEU A 29 -1.56 -5.98 -25.46
N GLU A 30 -1.16 -7.25 -25.27
CA GLU A 30 -0.04 -7.81 -26.02
C GLU A 30 -0.31 -7.75 -27.52
N MET A 31 -1.55 -8.02 -27.92
CA MET A 31 -1.89 -7.95 -29.34
C MET A 31 -1.80 -6.52 -29.85
N VAL A 32 -2.22 -5.55 -29.04
CA VAL A 32 -2.14 -4.16 -29.44
C VAL A 32 -0.69 -3.76 -29.63
N ALA A 33 0.15 -4.12 -28.66
CA ALA A 33 1.56 -3.78 -28.76
C ALA A 33 2.18 -4.41 -30.00
N ALA A 34 1.89 -5.68 -30.23
CA ALA A 34 2.43 -6.37 -31.39
C ALA A 34 2.05 -5.67 -32.69
N LEU A 35 0.78 -5.30 -32.83
CA LEU A 35 0.31 -4.71 -34.09
C LEU A 35 0.88 -3.31 -34.28
N ALA A 36 0.96 -2.52 -33.21
CA ALA A 36 1.46 -1.16 -33.28
C ALA A 36 2.98 -1.09 -33.35
N GLY A 37 3.68 -2.20 -33.08
CA GLY A 37 5.13 -2.17 -33.08
C GLY A 37 5.78 -1.51 -31.89
N VAL A 38 5.15 -1.57 -30.73
CA VAL A 38 5.69 -1.00 -29.51
C VAL A 38 5.66 -2.09 -28.44
N GLY A 39 5.97 -1.72 -27.21
CA GLY A 39 5.92 -2.64 -26.10
C GLY A 39 4.80 -2.34 -25.13
N ARG A 40 4.73 -3.18 -24.10
CA ARG A 40 3.68 -3.06 -23.10
C ARG A 40 3.68 -1.69 -22.43
N GLY A 41 4.86 -1.16 -22.11
CA GLY A 41 4.92 0.12 -21.42
C GLY A 41 4.27 1.25 -22.19
N THR A 42 4.46 1.26 -23.51
CA THR A 42 3.83 2.30 -24.32
C THR A 42 2.33 2.13 -24.36
N VAL A 43 1.86 0.91 -24.61
CA VAL A 43 0.42 0.71 -24.70
C VAL A 43 -0.22 1.02 -23.36
N SER A 44 0.40 0.57 -22.26
CA SER A 44 -0.16 0.87 -20.95
C SER A 44 -0.31 2.37 -20.74
N ARG A 45 0.67 3.17 -21.19
CA ARG A 45 0.60 4.62 -21.06
C ARG A 45 -0.51 5.21 -21.92
N VAL A 46 -0.74 4.67 -23.12
CA VAL A 46 -1.84 5.14 -23.95
C VAL A 46 -3.18 4.83 -23.29
N ILE A 47 -3.33 3.62 -22.75
CA ILE A 47 -4.58 3.22 -22.09
C ILE A 47 -4.91 4.17 -20.94
N ASN A 48 -3.91 4.57 -20.17
CA ASN A 48 -4.10 5.43 -19.00
C ASN A 48 -4.16 6.90 -19.34
N GLY A 49 -4.01 7.27 -20.61
CA GLY A 49 -3.97 8.67 -20.97
C GLY A 49 -2.76 9.40 -20.44
N SER A 50 -1.68 8.68 -20.16
CA SER A 50 -0.43 9.31 -19.73
C SER A 50 0.08 10.28 -20.78
N ASP A 51 0.72 11.35 -20.30
CA ASP A 51 1.43 12.25 -21.21
C ASP A 51 2.70 11.64 -21.79
N GLN A 52 3.16 10.50 -21.27
CA GLN A 52 4.48 9.96 -21.61
C GLN A 52 4.47 9.13 -22.89
N VAL A 53 3.84 9.68 -23.92
CA VAL A 53 3.81 9.07 -25.24
C VAL A 53 3.78 10.19 -26.26
N SER A 54 4.57 10.06 -27.33
CA SER A 54 4.51 11.06 -28.38
C SER A 54 3.15 11.01 -29.07
N PRO A 55 2.73 12.12 -29.68
CA PRO A 55 1.47 12.07 -30.45
C PRO A 55 1.48 11.04 -31.55
N ALA A 56 2.57 10.91 -32.31
CA ALA A 56 2.59 9.95 -33.40
C ALA A 56 2.48 8.52 -32.90
N THR A 57 3.16 8.22 -31.80
CA THR A 57 3.08 6.86 -31.26
C THR A 57 1.73 6.62 -30.61
N ARG A 58 1.18 7.64 -29.95
CA ARG A 58 -0.17 7.49 -29.40
C ARG A 58 -1.18 7.17 -30.49
N GLU A 59 -1.08 7.85 -31.63
CA GLU A 59 -2.04 7.62 -32.70
C GLU A 59 -1.84 6.25 -33.31
N ALA A 60 -0.60 5.79 -33.43
CA ALA A 60 -0.35 4.43 -33.92
C ALA A 60 -1.00 3.40 -33.01
N VAL A 61 -0.87 3.58 -31.68
CA VAL A 61 -1.47 2.62 -30.76
C VAL A 61 -2.99 2.68 -30.87
N LYS A 62 -3.56 3.88 -30.95
CA LYS A 62 -5.01 3.98 -31.05
C LYS A 62 -5.55 3.35 -32.33
N ARG A 63 -4.82 3.48 -33.44
CA ARG A 63 -5.21 2.79 -34.67
C ARG A 63 -5.22 1.28 -34.48
N ALA A 64 -4.22 0.74 -33.77
CA ALA A 64 -4.16 -0.69 -33.51
C ALA A 64 -5.32 -1.12 -32.62
N ILE A 65 -5.62 -0.32 -31.61
CA ILE A 65 -6.75 -0.59 -30.73
C ILE A 65 -8.03 -0.71 -31.55
N LYS A 66 -8.23 0.25 -32.46
CA LYS A 66 -9.43 0.22 -33.31
C LYS A 66 -9.46 -0.99 -34.21
N GLU A 67 -8.34 -1.29 -34.88
CA GLU A 67 -8.27 -2.42 -35.79
C GLU A 67 -8.60 -3.74 -35.08
N LEU A 68 -8.13 -3.89 -33.84
CA LEU A 68 -8.33 -5.12 -33.10
C LEU A 68 -9.66 -5.19 -32.40
N GLY A 69 -10.36 -4.06 -32.27
CA GLY A 69 -11.54 -4.00 -31.45
C GLY A 69 -11.24 -4.11 -29.98
N TYR A 70 -10.05 -3.68 -29.58
CA TYR A 70 -9.62 -3.77 -28.20
C TYR A 70 -10.38 -2.82 -27.29
N VAL A 71 -10.78 -3.33 -26.12
CA VAL A 71 -11.39 -2.53 -25.08
C VAL A 71 -10.62 -2.76 -23.78
N PRO A 72 -10.04 -1.74 -23.19
CA PRO A 72 -9.23 -1.96 -21.97
C PRO A 72 -10.05 -2.17 -20.72
N ASN A 73 -11.27 -1.63 -20.69
CA ASN A 73 -12.01 -1.45 -19.45
C ASN A 73 -13.36 -2.13 -19.60
N ARG A 74 -13.33 -3.47 -19.60
CA ARG A 74 -14.50 -4.32 -19.80
C ARG A 74 -15.19 -4.64 -18.47
N ARG A 83 -20.36 -20.05 -11.86
CA ARG A 83 -19.57 -19.32 -10.86
C ARG A 83 -18.70 -20.28 -10.07
N THR A 84 -17.63 -19.75 -9.47
CA THR A 84 -16.67 -20.54 -8.73
C THR A 84 -16.81 -20.40 -7.22
N ASP A 85 -17.54 -19.39 -6.74
CA ASP A 85 -17.65 -19.09 -5.31
C ASP A 85 -16.27 -18.81 -4.70
N THR A 86 -15.33 -18.36 -5.52
CA THR A 86 -13.94 -18.22 -5.10
C THR A 86 -13.40 -16.84 -5.47
N VAL A 87 -12.67 -16.25 -4.52
CA VAL A 87 -12.01 -14.95 -4.67
C VAL A 87 -10.52 -15.19 -4.60
N ALA A 88 -9.74 -14.50 -5.43
CA ALA A 88 -8.29 -14.48 -5.27
C ALA A 88 -7.91 -13.25 -4.48
N LEU A 89 -7.22 -13.47 -3.35
CA LEU A 89 -6.63 -12.38 -2.58
C LEU A 89 -5.18 -12.28 -3.04
N VAL A 90 -4.87 -11.24 -3.80
CA VAL A 90 -3.55 -11.07 -4.41
C VAL A 90 -2.77 -10.13 -3.55
N VAL A 91 -1.59 -10.56 -3.11
CA VAL A 91 -0.66 -9.74 -2.36
C VAL A 91 0.54 -9.53 -3.27
N SER A 92 0.75 -8.29 -3.70
CA SER A 92 1.76 -7.98 -4.73
C SER A 92 3.15 -7.84 -4.12
N GLU A 93 3.58 -8.92 -3.45
CA GLU A 93 4.86 -9.01 -2.75
C GLU A 93 5.34 -10.44 -2.84
N ASN A 94 6.62 -10.64 -2.59
CA ASN A 94 7.09 -12.00 -2.41
C ASN A 94 6.39 -12.64 -1.22
N ASN A 95 6.14 -13.95 -1.33
CA ASN A 95 5.36 -14.61 -0.29
C ASN A 95 5.98 -14.48 1.09
N GLN A 96 7.28 -14.25 1.21
CA GLN A 96 7.82 -14.20 2.56
C GLN A 96 7.40 -12.95 3.30
N LYS A 97 6.99 -11.91 2.57
CA LYS A 97 6.48 -10.71 3.24
C LYS A 97 5.20 -11.01 4.01
N LEU A 98 4.43 -12.01 3.57
CA LEU A 98 3.19 -12.39 4.23
C LEU A 98 3.43 -12.79 5.65
N PHE A 99 4.57 -13.43 5.91
CA PHE A 99 4.84 -13.98 7.20
C PHE A 99 5.69 -13.05 8.05
N ALA A 100 6.42 -12.15 7.42
CA ALA A 100 7.32 -11.27 8.17
C ALA A 100 6.63 -10.01 8.70
N GLU A 101 5.64 -9.52 8.00
CA GLU A 101 5.04 -8.23 8.32
C GLU A 101 3.64 -8.44 8.89
N PRO A 102 3.34 -7.87 10.06
CA PRO A 102 2.12 -8.26 10.79
C PRO A 102 0.82 -7.85 10.12
N PHE A 103 0.84 -6.87 9.24
CA PHE A 103 -0.36 -6.41 8.57
C PHE A 103 -1.13 -7.54 7.93
N TYR A 104 -0.43 -8.44 7.22
CA TYR A 104 -1.11 -9.36 6.32
C TYR A 104 -2.01 -10.32 7.08
N ALA A 105 -1.57 -10.81 8.25
CA ALA A 105 -2.37 -11.79 8.97
C ALA A 105 -3.77 -11.27 9.28
N GLY A 106 -3.86 -10.00 9.68
CA GLY A 106 -5.16 -9.44 10.05
C GLY A 106 -6.07 -9.26 8.85
N ILE A 107 -5.53 -8.84 7.71
CA ILE A 107 -6.36 -8.75 6.51
C ILE A 107 -6.91 -10.11 6.16
N VAL A 108 -6.05 -11.13 6.15
CA VAL A 108 -6.47 -12.45 5.74
C VAL A 108 -7.54 -12.97 6.69
N LEU A 109 -7.38 -12.71 7.99
CA LEU A 109 -8.40 -13.10 8.97
C LEU A 109 -9.75 -12.51 8.59
N GLY A 110 -9.78 -11.18 8.38
CA GLY A 110 -11.04 -10.52 8.08
C GLY A 110 -11.64 -10.96 6.76
N VAL A 111 -10.81 -11.07 5.72
CA VAL A 111 -11.30 -11.56 4.44
C VAL A 111 -11.94 -12.93 4.61
N GLY A 112 -11.26 -13.81 5.33
CA GLY A 112 -11.74 -15.18 5.46
C GLY A 112 -13.08 -15.25 6.14
N VAL A 113 -13.26 -14.46 7.20
CA VAL A 113 -14.53 -14.47 7.93
C VAL A 113 -15.64 -13.89 7.06
N ALA A 114 -15.40 -12.74 6.45
CA ALA A 114 -16.45 -12.09 5.67
C ALA A 114 -16.85 -12.92 4.46
N LEU A 115 -15.90 -13.57 3.79
CA LEU A 115 -16.26 -14.44 2.69
C LEU A 115 -17.04 -15.65 3.19
N SER A 116 -16.58 -16.27 4.29
CA SER A 116 -17.31 -17.43 4.85
C SER A 116 -18.76 -17.08 5.13
N GLU A 117 -19.02 -15.89 5.67
CA GLU A 117 -20.39 -15.49 6.02
C GLU A 117 -21.27 -15.37 4.79
N ARG A 118 -20.68 -15.24 3.61
CA ARG A 118 -21.41 -15.05 2.37
C ARG A 118 -21.35 -16.24 1.43
N GLY A 119 -20.73 -17.35 1.85
CA GLY A 119 -20.67 -18.52 1.02
C GLY A 119 -19.53 -18.57 0.03
N PHE A 120 -18.50 -17.77 0.23
CA PHE A 120 -17.35 -17.74 -0.65
C PHE A 120 -16.10 -18.25 0.08
N GLN A 121 -15.14 -18.73 -0.71
CA GLN A 121 -13.82 -19.07 -0.21
C GLN A 121 -12.80 -18.18 -0.92
N PHE A 122 -11.57 -18.16 -0.41
CA PHE A 122 -10.50 -17.47 -1.11
C PHE A 122 -9.28 -18.36 -1.31
N VAL A 123 -8.52 -18.00 -2.34
CA VAL A 123 -7.14 -18.44 -2.49
C VAL A 123 -6.24 -17.21 -2.42
N LEU A 124 -5.01 -17.42 -1.96
CA LEU A 124 -4.04 -16.36 -1.76
C LEU A 124 -2.99 -16.50 -2.85
N ALA A 125 -2.76 -15.41 -3.60
CA ALA A 125 -1.74 -15.38 -4.64
C ALA A 125 -0.75 -14.27 -4.34
N THR A 126 0.51 -14.47 -4.74
CA THR A 126 1.58 -13.54 -4.40
C THR A 126 2.45 -13.27 -5.60
N GLY A 127 3.39 -12.36 -5.40
CA GLY A 127 4.46 -12.14 -6.36
C GLY A 127 4.77 -10.67 -6.53
N ARG A 128 6.06 -10.34 -6.49
CA ARG A 128 6.58 -8.99 -6.73
C ARG A 128 7.10 -8.79 -8.16
N SER A 129 7.54 -9.85 -8.84
CA SER A 129 8.34 -9.69 -10.05
C SER A 129 7.48 -9.59 -11.30
N GLY A 130 8.11 -9.08 -12.37
CA GLY A 130 7.40 -8.95 -13.63
C GLY A 130 6.87 -10.27 -14.16
N ILE A 131 7.69 -11.33 -14.09
CA ILE A 131 7.21 -12.61 -14.62
C ILE A 131 6.10 -13.15 -13.73
N GLU A 132 6.17 -12.91 -12.42
CA GLU A 132 5.08 -13.37 -11.56
C GLU A 132 3.78 -12.63 -11.90
N HIS A 133 3.85 -11.34 -12.16
CA HIS A 133 2.65 -10.59 -12.53
C HIS A 133 2.11 -11.06 -13.87
N GLU A 134 3.02 -11.35 -14.81
CA GLU A 134 2.60 -11.89 -16.11
CA GLU A 134 2.61 -11.88 -16.10
C GLU A 134 1.81 -13.17 -15.93
N ARG A 135 2.37 -14.13 -15.20
CA ARG A 135 1.72 -15.43 -15.07
C ARG A 135 0.41 -15.31 -14.30
N LEU A 136 0.37 -14.44 -13.28
CA LEU A 136 -0.83 -14.32 -12.47
C LEU A 136 -1.94 -13.61 -13.22
N GLY A 137 -1.60 -12.52 -13.92
CA GLY A 137 -2.58 -11.87 -14.76
C GLY A 137 -3.14 -12.79 -15.83
N GLY A 138 -2.28 -13.60 -16.47
CA GLY A 138 -2.76 -14.53 -17.48
C GLY A 138 -3.70 -15.57 -16.90
N TYR A 139 -3.39 -16.08 -15.72
CA TYR A 139 -4.26 -17.04 -15.05
C TYR A 139 -5.59 -16.42 -14.68
N LEU A 140 -5.57 -15.24 -14.08
CA LEU A 140 -6.82 -14.65 -13.59
C LEU A 140 -7.72 -14.21 -14.74
N ALA A 141 -7.18 -14.10 -15.95
CA ALA A 141 -7.99 -13.88 -17.14
C ALA A 141 -8.71 -15.13 -17.63
N GLY A 142 -8.45 -16.29 -17.04
CA GLY A 142 -9.06 -17.53 -17.49
C GLY A 142 -10.28 -18.01 -16.73
N GLN A 143 -11.00 -17.12 -16.03
CA GLN A 143 -12.29 -17.50 -15.42
C GLN A 143 -12.13 -18.56 -14.32
N HIS A 144 -11.09 -18.41 -13.52
CA HIS A 144 -10.84 -19.31 -12.41
C HIS A 144 -11.34 -18.77 -11.07
N VAL A 145 -11.67 -17.49 -11.00
CA VAL A 145 -12.21 -16.89 -9.78
C VAL A 145 -13.33 -15.95 -10.17
N ASP A 146 -14.19 -15.65 -9.21
CA ASP A 146 -15.30 -14.73 -9.46
C ASP A 146 -14.90 -13.27 -9.29
N GLY A 147 -13.80 -13.01 -8.59
CA GLY A 147 -13.34 -11.66 -8.36
C GLY A 147 -12.02 -11.69 -7.63
N VAL A 148 -11.41 -10.50 -7.52
CA VAL A 148 -10.07 -10.34 -6.98
C VAL A 148 -10.02 -9.23 -5.94
N LEU A 149 -9.27 -9.48 -4.87
CA LEU A 149 -8.90 -8.47 -3.90
C LEU A 149 -7.43 -8.14 -4.09
N LEU A 150 -7.12 -6.85 -4.17
CA LEU A 150 -5.79 -6.36 -4.53
C LEU A 150 -5.16 -5.71 -3.31
N LEU A 151 -4.08 -6.30 -2.80
CA LEU A 151 -3.44 -5.86 -1.57
C LEU A 151 -1.96 -5.62 -1.76
N SER A 152 -1.46 -4.53 -1.18
CA SER A 152 -0.03 -4.24 -1.19
C SER A 152 0.48 -3.98 -2.59
N LEU A 153 -0.37 -3.44 -3.45
CA LEU A 153 0.12 -3.13 -4.78
C LEU A 153 1.03 -1.91 -4.75
N HIS A 154 1.86 -1.84 -5.77
CA HIS A 154 2.79 -0.74 -6.00
C HIS A 154 2.36 0.03 -7.23
N ARG A 155 2.75 1.29 -7.27
CA ARG A 155 2.42 2.12 -8.40
C ARG A 155 2.89 1.43 -9.68
N ASP A 156 2.04 1.42 -10.68
CA ASP A 156 2.34 0.85 -12.00
C ASP A 156 2.37 -0.68 -12.02
N ASP A 157 2.00 -1.37 -10.94
CA ASP A 157 1.78 -2.80 -11.05
C ASP A 157 0.76 -3.06 -12.18
N PRO A 158 0.98 -4.06 -13.03
CA PRO A 158 0.08 -4.26 -14.17
C PRO A 158 -1.17 -5.06 -13.91
N LEU A 159 -1.32 -5.72 -12.76
CA LEU A 159 -2.45 -6.62 -12.61
C LEU A 159 -3.80 -5.93 -12.77
N PRO A 160 -4.04 -4.72 -12.27
CA PRO A 160 -5.37 -4.12 -12.50
C PRO A 160 -5.73 -3.98 -13.97
N GLN A 161 -4.77 -3.52 -14.78
CA GLN A 161 -4.98 -3.46 -16.23
C GLN A 161 -5.33 -4.82 -16.79
N MET A 162 -4.65 -5.86 -16.34
CA MET A 162 -4.88 -7.19 -16.87
C MET A 162 -6.27 -7.67 -16.49
N LEU A 163 -6.73 -7.34 -15.29
CA LEU A 163 -8.07 -7.72 -14.86
C LEU A 163 -9.14 -6.91 -15.57
N ASP A 164 -8.88 -5.62 -15.79
CA ASP A 164 -9.85 -4.79 -16.47
C ASP A 164 -10.08 -5.27 -17.90
N GLU A 165 -9.02 -5.69 -18.58
CA GLU A 165 -9.22 -6.09 -19.97
C GLU A 165 -9.94 -7.45 -20.04
N ALA A 166 -9.87 -8.25 -18.97
CA ALA A 166 -10.57 -9.52 -18.91
C ALA A 166 -11.94 -9.41 -18.23
N GLY A 167 -12.32 -8.23 -17.74
CA GLY A 167 -13.62 -8.07 -17.11
C GLY A 167 -13.75 -8.76 -15.77
N VAL A 168 -12.66 -8.92 -15.04
CA VAL A 168 -12.68 -9.57 -13.73
C VAL A 168 -12.85 -8.47 -12.69
N PRO A 169 -13.91 -8.49 -11.88
CA PRO A 169 -14.11 -7.42 -10.91
C PRO A 169 -13.09 -7.48 -9.79
N TYR A 170 -12.72 -6.31 -9.30
CA TYR A 170 -11.79 -6.27 -8.18
C TYR A 170 -12.09 -5.11 -7.26
N VAL A 171 -11.61 -5.24 -6.02
CA VAL A 171 -11.64 -4.20 -5.01
C VAL A 171 -10.24 -4.11 -4.43
N TYR A 172 -9.75 -2.89 -4.27
CA TYR A 172 -8.44 -2.66 -3.65
C TYR A 172 -8.53 -2.62 -2.15
N GLY A 173 -7.48 -3.12 -1.50
CA GLY A 173 -7.18 -2.74 -0.12
C GLY A 173 -5.98 -1.80 -0.18
N GLY A 174 -6.24 -0.50 0.00
CA GLY A 174 -5.28 0.56 -0.31
C GLY A 174 -5.61 1.26 -1.61
N ARG A 175 -5.90 2.55 -1.53
CA ARG A 175 -6.28 3.31 -2.73
C ARG A 175 -5.15 3.27 -3.75
N PRO A 176 -5.46 3.09 -5.05
CA PRO A 176 -4.39 3.09 -6.06
C PRO A 176 -3.83 4.48 -6.32
N LEU A 177 -2.51 4.56 -6.41
CA LEU A 177 -1.84 5.80 -6.76
C LEU A 177 -1.95 6.05 -8.27
N GLY A 178 -2.29 7.27 -8.62
CA GLY A 178 -2.29 7.67 -10.02
C GLY A 178 -3.49 7.21 -10.81
N VAL A 179 -4.54 6.73 -10.16
CA VAL A 179 -5.79 6.35 -10.78
C VAL A 179 -6.87 7.27 -10.23
N PRO A 180 -7.75 7.84 -11.06
CA PRO A 180 -8.82 8.67 -10.51
C PRO A 180 -9.70 7.87 -9.57
N GLU A 181 -9.88 8.41 -8.36
CA GLU A 181 -10.51 7.66 -7.28
C GLU A 181 -11.92 7.23 -7.62
N GLU A 182 -12.65 8.06 -8.37
CA GLU A 182 -14.06 7.79 -8.61
C GLU A 182 -14.30 6.58 -9.50
N GLN A 183 -13.26 6.06 -10.15
CA GLN A 183 -13.40 4.92 -11.05
C GLN A 183 -13.27 3.58 -10.37
N VAL A 184 -12.84 3.54 -9.11
CA VAL A 184 -12.45 2.28 -8.47
C VAL A 184 -13.15 2.13 -7.13
N SER A 185 -13.27 0.87 -6.73
CA SER A 185 -13.74 0.52 -5.40
C SER A 185 -12.55 0.15 -4.53
N TYR A 186 -12.55 0.63 -3.30
CA TYR A 186 -11.47 0.27 -2.38
C TYR A 186 -11.91 0.47 -0.95
N VAL A 187 -11.21 -0.22 -0.06
CA VAL A 187 -11.17 0.09 1.36
C VAL A 187 -9.76 0.55 1.66
N ASP A 188 -9.63 1.65 2.38
CA ASP A 188 -8.33 2.11 2.80
C ASP A 188 -8.40 2.62 4.23
N ILE A 189 -7.24 2.84 4.80
CA ILE A 189 -7.10 3.43 6.12
C ILE A 189 -6.85 4.92 5.95
N ASP A 190 -7.29 5.72 6.92
CA ASP A 190 -6.97 7.15 6.93
C ASP A 190 -5.53 7.32 7.38
N ASN A 191 -4.61 7.04 6.44
CA ASN A 191 -3.19 7.05 6.76
C ASN A 191 -2.61 8.46 6.84
N ILE A 192 -3.23 9.44 6.18
CA ILE A 192 -2.83 10.82 6.44
C ILE A 192 -3.13 11.15 7.90
N GLY A 193 -4.33 10.80 8.36
CA GLY A 193 -4.68 11.03 9.76
C GLY A 193 -3.80 10.24 10.72
N GLY A 194 -3.49 8.98 10.38
CA GLY A 194 -2.61 8.21 11.23
C GLY A 194 -1.22 8.81 11.31
N GLY A 195 -0.67 9.24 10.19
CA GLY A 195 0.59 9.93 10.21
C GLY A 195 0.54 11.19 11.05
N ARG A 196 -0.57 11.93 10.98
CA ARG A 196 -0.74 13.10 11.83
C ARG A 196 -0.79 12.70 13.30
N GLN A 197 -1.53 11.65 13.63
CA GLN A 197 -1.62 11.23 15.03
C GLN A 197 -0.24 10.92 15.59
N ALA A 198 0.56 10.16 14.85
CA ALA A 198 1.90 9.79 15.29
C ALA A 198 2.76 11.02 15.50
N THR A 199 2.74 11.97 14.55
CA THR A 199 3.64 13.10 14.60
C THR A 199 3.17 14.11 15.64
N GLN A 200 1.86 14.33 15.71
CA GLN A 200 1.27 15.21 16.74
C GLN A 200 1.63 14.74 18.14
N ARG A 201 1.63 13.43 18.38
CA ARG A 201 2.07 12.91 19.67
C ARG A 201 3.47 13.39 20.00
N LEU A 202 4.39 13.31 19.03
CA LEU A 202 5.76 13.70 19.28
C LEU A 202 5.89 15.20 19.45
N ILE A 203 5.07 15.97 18.75
CA ILE A 203 5.07 17.41 18.96
C ILE A 203 4.53 17.73 20.34
N GLU A 204 3.44 17.08 20.72
CA GLU A 204 2.80 17.36 22.00
C GLU A 204 3.69 17.05 23.19
N THR A 205 4.59 16.07 23.06
CA THR A 205 5.48 15.72 24.15
C THR A 205 6.77 16.56 24.12
N GLY A 206 6.79 17.62 23.31
CA GLY A 206 7.83 18.62 23.37
C GLY A 206 8.99 18.46 22.40
N HIS A 207 8.91 17.60 21.41
CA HIS A 207 10.06 17.35 20.55
C HIS A 207 10.15 18.38 19.44
N ARG A 208 11.38 18.72 19.07
CA ARG A 208 11.61 19.80 18.13
C ARG A 208 12.45 19.42 16.93
N ARG A 209 12.99 18.20 16.87
CA ARG A 209 13.76 17.71 15.73
C ARG A 209 13.23 16.32 15.37
N ILE A 210 12.05 16.30 14.77
CA ILE A 210 11.21 15.11 14.62
C ILE A 210 11.43 14.57 13.21
N ALA A 211 12.03 13.39 13.13
CA ALA A 211 12.32 12.72 11.87
C ALA A 211 11.25 11.69 11.56
N THR A 212 11.27 11.20 10.32
CA THR A 212 10.44 10.07 9.97
C THR A 212 11.26 9.06 9.16
N ILE A 213 10.99 7.78 9.40
CA ILE A 213 11.38 6.70 8.49
C ILE A 213 10.12 6.41 7.71
N ALA A 214 10.03 7.00 6.52
CA ALA A 214 8.81 6.93 5.73
C ALA A 214 8.74 5.61 5.00
N GLY A 215 7.51 5.23 4.67
CA GLY A 215 7.28 4.12 3.79
C GLY A 215 7.66 4.50 2.38
N PRO A 216 7.62 3.52 1.49
CA PRO A 216 8.03 3.76 0.10
C PRO A 216 6.99 4.59 -0.63
N GLN A 217 7.46 5.44 -1.52
CA GLN A 217 6.59 6.41 -2.16
C GLN A 217 5.92 5.85 -3.41
N ASP A 218 6.13 4.57 -3.70
CA ASP A 218 5.35 3.86 -4.70
C ASP A 218 4.18 3.07 -4.08
N MET A 219 3.90 3.29 -2.79
CA MET A 219 2.78 2.67 -2.11
C MET A 219 1.96 3.72 -1.39
N VAL A 220 0.63 3.60 -1.44
CA VAL A 220 -0.25 4.67 -0.96
C VAL A 220 0.00 4.96 0.51
N ALA A 221 0.22 3.93 1.32
CA ALA A 221 0.39 4.20 2.75
C ALA A 221 1.71 4.92 3.01
N GLY A 222 2.75 4.63 2.22
CA GLY A 222 4.00 5.36 2.36
C GLY A 222 3.83 6.83 2.00
N VAL A 223 3.14 7.11 0.90
CA VAL A 223 2.83 8.48 0.52
C VAL A 223 2.05 9.19 1.62
N GLU A 224 0.98 8.57 2.10
CA GLU A 224 0.03 9.27 2.97
C GLU A 224 0.54 9.41 4.41
N ARG A 225 1.32 8.46 4.92
CA ARG A 225 1.86 8.65 6.26
C ARG A 225 2.91 9.73 6.28
N LEU A 226 3.62 9.93 5.16
CA LEU A 226 4.55 11.05 5.05
C LEU A 226 3.77 12.36 4.94
N GLN A 227 2.68 12.35 4.18
CA GLN A 227 1.82 13.53 4.09
C GLN A 227 1.29 13.93 5.47
N GLY A 228 0.85 12.95 6.27
CA GLY A 228 0.36 13.27 7.60
C GLY A 228 1.44 13.86 8.49
N TYR A 229 2.65 13.29 8.45
CA TYR A 229 3.80 13.86 9.14
C TYR A 229 4.01 15.31 8.72
N ARG A 230 4.00 15.58 7.43
CA ARG A 230 4.22 16.95 6.95
C ARG A 230 3.12 17.88 7.46
N GLU A 231 1.86 17.45 7.35
CA GLU A 231 0.74 18.30 7.78
C GLU A 231 0.80 18.61 9.26
N ALA A 232 1.21 17.63 10.07
CA ALA A 232 1.32 17.85 11.51
C ALA A 232 2.38 18.91 11.82
N LEU A 233 3.55 18.79 11.18
CA LEU A 233 4.62 19.75 11.41
C LEU A 233 4.16 21.15 11.05
N LEU A 234 3.52 21.29 9.90
CA LEU A 234 3.11 22.63 9.45
C LEU A 234 2.00 23.18 10.34
N ALA A 235 1.02 22.36 10.70
CA ALA A 235 -0.02 22.83 11.62
C ALA A 235 0.56 23.31 12.94
N ALA A 236 1.73 22.82 13.34
CA ALA A 236 2.36 23.22 14.58
C ALA A 236 3.32 24.39 14.42
N GLY A 237 3.43 24.97 13.22
CA GLY A 237 4.38 26.04 12.97
C GLY A 237 5.81 25.59 12.84
N MET A 238 6.05 24.31 12.67
CA MET A 238 7.38 23.75 12.50
C MET A 238 7.69 23.62 11.01
N GLU A 239 8.99 23.57 10.69
CA GLU A 239 9.42 23.45 9.32
C GLU A 239 9.37 21.99 8.85
N TYR A 240 9.09 21.81 7.56
CA TYR A 240 9.25 20.51 6.92
C TYR A 240 10.65 20.48 6.33
N ASP A 241 11.54 19.72 6.97
CA ASP A 241 12.96 19.67 6.64
C ASP A 241 13.23 18.26 6.10
N GLU A 242 13.47 18.18 4.78
CA GLU A 242 13.72 16.88 4.17
C GLU A 242 14.97 16.20 4.71
N THR A 243 15.85 16.94 5.38
CA THR A 243 16.98 16.30 6.03
C THR A 243 16.52 15.24 7.02
N LEU A 244 15.36 15.44 7.62
CA LEU A 244 14.84 14.55 8.66
C LEU A 244 13.92 13.49 8.09
N VAL A 245 13.85 13.35 6.78
CA VAL A 245 12.99 12.38 6.11
C VAL A 245 13.91 11.34 5.48
N SER A 246 13.74 10.10 5.90
CA SER A 246 14.43 8.97 5.30
C SER A 246 13.35 8.01 4.83
N TYR A 247 13.70 7.15 3.87
CA TYR A 247 12.72 6.24 3.27
C TYR A 247 13.15 4.80 3.42
N GLY A 248 12.18 3.95 3.78
CA GLY A 248 12.36 2.52 3.73
C GLY A 248 11.32 1.87 2.84
N ASP A 249 11.17 0.55 2.96
CA ASP A 249 10.24 -0.20 2.11
C ASP A 249 9.36 -1.10 2.95
N PHE A 250 9.19 -0.76 4.21
CA PHE A 250 8.42 -1.43 5.24
C PHE A 250 9.15 -2.66 5.81
N THR A 251 10.31 -3.04 5.32
CA THR A 251 11.06 -4.13 5.92
C THR A 251 11.92 -3.61 7.07
N TYR A 252 12.24 -4.53 7.99
CA TYR A 252 13.14 -4.24 9.09
C TYR A 252 14.47 -3.72 8.59
N ASP A 253 15.07 -4.41 7.61
CA ASP A 253 16.40 -4.02 7.14
C ASP A 253 16.40 -2.60 6.62
N SER A 254 15.34 -2.19 5.91
CA SER A 254 15.27 -0.83 5.40
C SER A 254 15.19 0.17 6.53
N GLY A 255 14.54 -0.18 7.63
CA GLY A 255 14.49 0.71 8.78
C GLY A 255 15.86 0.88 9.41
N VAL A 256 16.64 -0.20 9.45
CA VAL A 256 17.99 -0.10 9.99
C VAL A 256 18.79 0.91 9.19
N ALA A 257 18.80 0.77 7.87
CA ALA A 257 19.58 1.69 7.04
C ALA A 257 19.08 3.13 7.20
N ALA A 258 17.77 3.31 7.30
CA ALA A 258 17.21 4.65 7.39
C ALA A 258 17.57 5.33 8.71
N MET A 259 17.47 4.59 9.82
CA MET A 259 17.79 5.21 11.11
C MET A 259 19.26 5.60 11.15
N ARG A 260 20.13 4.74 10.62
CA ARG A 260 21.56 5.06 10.60
C ARG A 260 21.82 6.32 9.79
N GLU A 261 21.12 6.47 8.67
CA GLU A 261 21.29 7.66 7.85
C GLU A 261 20.77 8.90 8.56
N LEU A 262 19.64 8.79 9.25
CA LEU A 262 19.13 9.94 9.97
C LEU A 262 20.11 10.42 11.02
N LEU A 263 20.75 9.49 11.74
CA LEU A 263 21.68 9.88 12.78
C LEU A 263 22.91 10.53 12.19
N ASP A 264 23.32 10.11 10.99
CA ASP A 264 24.45 10.74 10.34
C ASP A 264 24.13 12.18 9.94
N ARG A 265 22.94 12.40 9.38
CA ARG A 265 22.56 13.71 8.88
C ARG A 265 22.19 14.66 10.00
N ALA A 266 21.56 14.13 11.05
CA ALA A 266 20.99 14.94 12.12
C ALA A 266 21.24 14.23 13.44
N PRO A 267 22.46 14.32 13.98
CA PRO A 267 22.75 13.66 15.26
C PRO A 267 21.93 14.22 16.41
N ASP A 268 21.27 15.37 16.23
CA ASP A 268 20.47 15.97 17.28
C ASP A 268 18.99 15.61 17.15
N VAL A 269 18.66 14.62 16.33
CA VAL A 269 17.27 14.18 16.25
C VAL A 269 16.78 13.82 17.64
N ASP A 270 15.55 14.21 17.95
CA ASP A 270 15.00 13.86 19.25
C ASP A 270 13.74 13.02 19.18
N ALA A 271 13.25 12.69 17.98
CA ALA A 271 12.06 11.87 17.87
C ALA A 271 12.02 11.29 16.46
N VAL A 272 11.42 10.11 16.33
CA VAL A 272 11.27 9.42 15.04
C VAL A 272 9.87 8.84 14.94
N PHE A 273 9.17 9.20 13.87
CA PHE A 273 7.95 8.51 13.46
C PHE A 273 8.35 7.49 12.39
N ALA A 274 8.29 6.22 12.73
CA ALA A 274 8.53 5.14 11.77
C ALA A 274 7.20 4.66 11.21
N ALA A 275 7.11 4.61 9.89
CA ALA A 275 5.83 4.34 9.23
C ALA A 275 5.43 2.87 9.23
N SER A 276 6.20 1.99 9.87
CA SER A 276 5.68 0.68 10.28
C SER A 276 6.42 0.20 11.51
N ASP A 277 5.78 -0.71 12.25
CA ASP A 277 6.38 -1.23 13.47
C ASP A 277 7.74 -1.88 13.21
N LEU A 278 7.88 -2.63 12.11
CA LEU A 278 9.15 -3.28 11.85
C LEU A 278 10.25 -2.26 11.61
N MET A 279 9.93 -1.17 10.90
CA MET A 279 10.92 -0.11 10.73
C MET A 279 11.18 0.62 12.05
N GLY A 280 10.16 0.70 12.91
CA GLY A 280 10.36 1.28 14.23
C GLY A 280 11.19 0.42 15.15
N LEU A 281 11.04 -0.90 15.05
CA LEU A 281 11.89 -1.82 15.81
C LEU A 281 13.34 -1.67 15.40
N ALA A 282 13.60 -1.60 14.11
CA ALA A 282 14.93 -1.31 13.62
C ALA A 282 15.45 0.00 14.19
N ALA A 283 14.62 1.04 14.21
CA ALA A 283 15.07 2.31 14.74
C ALA A 283 15.45 2.18 16.21
N LEU A 284 14.63 1.50 17.00
CA LEU A 284 14.97 1.32 18.41
C LEU A 284 16.33 0.67 18.58
N ARG A 285 16.62 -0.35 17.79
CA ARG A 285 17.89 -1.06 17.93
C ARG A 285 19.06 -0.23 17.47
N VAL A 286 18.90 0.54 16.38
CA VAL A 286 19.96 1.42 15.92
C VAL A 286 20.20 2.52 16.94
N LEU A 287 19.12 3.09 17.50
CA LEU A 287 19.26 4.14 18.50
C LEU A 287 20.03 3.63 19.71
N ARG A 288 19.67 2.44 20.19
CA ARG A 288 20.34 1.89 21.36
C ARG A 288 21.80 1.60 21.05
N ALA A 289 22.07 1.04 19.87
CA ALA A 289 23.46 0.75 19.49
C ALA A 289 24.28 2.03 19.41
N SER A 290 23.66 3.16 19.07
CA SER A 290 24.39 4.41 18.98
C SER A 290 24.56 5.10 20.32
N GLY A 291 24.04 4.53 21.40
CA GLY A 291 24.16 5.12 22.72
C GLY A 291 23.08 6.12 23.06
N ARG A 292 21.93 6.09 22.39
CA ARG A 292 20.83 7.00 22.69
C ARG A 292 19.74 6.25 23.46
N ARG A 293 19.24 6.89 24.51
CA ARG A 293 18.14 6.33 25.30
C ARG A 293 16.83 6.58 24.59
N VAL A 294 15.95 5.58 24.64
CA VAL A 294 14.58 5.73 24.17
C VAL A 294 13.68 5.51 25.37
N PRO A 295 12.81 6.47 25.75
CA PRO A 295 12.46 7.73 25.07
C PRO A 295 13.25 8.96 25.48
N GLU A 296 14.23 8.83 26.39
CA GLU A 296 14.81 10.01 27.04
C GLU A 296 15.60 10.88 26.07
N ASP A 297 16.37 10.27 25.18
CA ASP A 297 17.07 11.03 24.15
C ASP A 297 16.27 11.13 22.85
N VAL A 298 15.68 10.03 22.40
CA VAL A 298 14.89 9.98 21.18
C VAL A 298 13.62 9.19 21.45
N ALA A 299 12.47 9.81 21.17
CA ALA A 299 11.18 9.15 21.28
C ALA A 299 10.83 8.51 19.93
N VAL A 300 10.08 7.42 19.97
CA VAL A 300 9.75 6.66 18.77
C VAL A 300 8.27 6.30 18.76
N VAL A 301 7.62 6.50 17.61
CA VAL A 301 6.26 6.03 17.39
C VAL A 301 6.26 5.23 16.10
N GLY A 302 5.62 4.06 16.13
CA GLY A 302 5.48 3.20 14.97
C GLY A 302 4.08 3.21 14.40
N TYR A 303 3.75 2.15 13.64
CA TYR A 303 2.48 2.07 12.92
C TYR A 303 2.19 0.59 12.66
N ASP A 304 1.03 0.12 13.11
CA ASP A 304 0.54 -1.26 12.99
C ASP A 304 -0.01 -1.75 14.32
N ASP A 305 0.45 -1.16 15.43
CA ASP A 305 0.09 -1.59 16.79
C ASP A 305 0.04 -3.11 16.90
N SER A 306 1.16 -3.70 16.52
CA SER A 306 1.31 -5.13 16.35
C SER A 306 2.07 -5.73 17.52
N THR A 307 2.21 -7.07 17.51
CA THR A 307 3.08 -7.70 18.50
C THR A 307 4.53 -7.23 18.39
N VAL A 308 4.96 -6.74 17.23
CA VAL A 308 6.28 -6.16 17.12
C VAL A 308 6.42 -4.99 18.09
N ALA A 309 5.42 -4.11 18.12
CA ALA A 309 5.42 -2.99 19.06
C ALA A 309 5.26 -3.45 20.50
N GLU A 310 4.34 -4.40 20.74
CA GLU A 310 4.08 -4.82 22.11
C GLU A 310 5.33 -5.34 22.79
N HIS A 311 6.15 -6.10 22.06
CA HIS A 311 7.26 -6.83 22.64
C HIS A 311 8.60 -6.13 22.45
N ALA A 312 8.59 -4.92 21.89
CA ALA A 312 9.81 -4.16 21.76
C ALA A 312 10.31 -3.74 23.14
N GLU A 313 11.58 -3.37 23.16
CA GLU A 313 12.28 -2.88 24.35
C GLU A 313 12.81 -1.50 24.04
N PRO A 314 12.18 -0.43 24.54
CA PRO A 314 10.96 -0.39 25.35
C PRO A 314 9.71 -0.63 24.49
N PRO A 315 8.60 -1.02 25.10
CA PRO A 315 7.37 -1.22 24.33
C PRO A 315 7.03 0.03 23.51
N MET A 316 6.57 -0.19 22.27
CA MET A 316 6.53 0.86 21.27
C MET A 316 5.15 1.47 21.15
N THR A 317 5.06 2.78 21.34
CA THR A 317 3.88 3.52 20.94
C THR A 317 3.69 3.36 19.43
N SER A 318 2.45 3.15 19.02
CA SER A 318 2.17 2.79 17.63
C SER A 318 0.75 3.15 17.25
N VAL A 319 0.58 3.57 16.00
CA VAL A 319 -0.76 3.84 15.46
C VAL A 319 -1.46 2.51 15.18
N ASN A 320 -2.66 2.37 15.72
CA ASN A 320 -3.49 1.19 15.48
C ASN A 320 -4.38 1.44 14.28
N GLN A 321 -4.29 0.56 13.27
CA GLN A 321 -5.27 0.60 12.20
C GLN A 321 -6.11 -0.68 12.21
N PRO A 322 -7.39 -0.57 11.86
CA PRO A 322 -8.34 -1.70 11.99
C PRO A 322 -8.21 -2.69 10.84
N THR A 323 -7.14 -3.51 10.90
CA THR A 323 -6.82 -4.37 9.74
C THR A 323 -7.87 -5.45 9.51
N GLU A 324 -8.37 -6.09 10.57
CA GLU A 324 -9.39 -7.11 10.38
C GLU A 324 -10.65 -6.53 9.76
N LEU A 325 -11.09 -5.37 10.24
CA LEU A 325 -12.26 -4.73 9.66
C LEU A 325 -12.00 -4.38 8.20
N MET A 326 -10.80 -3.89 7.90
CA MET A 326 -10.47 -3.59 6.52
C MET A 326 -10.66 -4.82 5.64
N GLY A 327 -10.14 -5.96 6.08
CA GLY A 327 -10.31 -7.17 5.30
C GLY A 327 -11.77 -7.58 5.15
N ARG A 328 -12.53 -7.51 6.24
CA ARG A 328 -13.94 -7.82 6.18
C ARG A 328 -14.64 -6.95 5.15
N GLU A 329 -14.37 -5.65 5.18
CA GLU A 329 -15.05 -4.73 4.29
C GLU A 329 -14.61 -4.89 2.85
N MET A 330 -13.33 -5.20 2.62
CA MET A 330 -12.87 -5.51 1.27
C MET A 330 -13.71 -6.65 0.68
N ALA A 331 -13.84 -7.73 1.46
CA ALA A 331 -14.58 -8.89 0.98
C ALA A 331 -16.04 -8.54 0.75
N ARG A 332 -16.65 -7.81 1.68
CA ARG A 332 -18.05 -7.41 1.52
C ARG A 332 -18.26 -6.63 0.23
N LEU A 333 -17.43 -5.60 -0.01
CA LEU A 333 -17.57 -4.80 -1.23
C LEU A 333 -17.40 -5.65 -2.47
N LEU A 334 -16.43 -6.57 -2.49
CA LEU A 334 -16.22 -7.39 -3.67
C LEU A 334 -17.40 -8.32 -3.92
N VAL A 335 -17.88 -9.00 -2.87
CA VAL A 335 -19.02 -9.89 -3.06
C VAL A 335 -20.21 -9.12 -3.60
N ASP A 336 -20.43 -7.90 -3.10
CA ASP A 336 -21.55 -7.11 -3.63
C ASP A 336 -21.38 -6.83 -5.11
N ARG A 337 -20.15 -6.66 -5.60
CA ARG A 337 -19.94 -6.49 -7.03
C ARG A 337 -20.20 -7.79 -7.79
N ILE A 338 -19.72 -8.90 -7.25
CA ILE A 338 -19.88 -10.21 -7.88
C ILE A 338 -21.36 -10.53 -8.07
N THR A 339 -22.17 -10.31 -7.05
CA THR A 339 -23.57 -10.72 -7.05
C THR A 339 -24.46 -9.72 -7.77
N GLY A 340 -23.95 -8.53 -8.09
CA GLY A 340 -24.76 -7.48 -8.68
C GLY A 340 -25.52 -6.64 -7.70
N GLU A 341 -25.37 -6.88 -6.39
CA GLU A 341 -26.01 -6.03 -5.40
C GLU A 341 -25.55 -4.58 -5.50
N THR A 342 -24.28 -4.37 -5.86
CA THR A 342 -23.71 -3.04 -6.03
C THR A 342 -23.09 -2.96 -7.42
N THR A 343 -23.50 -1.94 -8.19
CA THR A 343 -23.03 -1.77 -9.56
C THR A 343 -22.23 -0.50 -9.77
N GLU A 344 -22.10 0.36 -8.77
CA GLU A 344 -21.30 1.56 -8.82
C GLU A 344 -20.10 1.40 -7.91
N PRO A 345 -19.00 2.13 -8.16
CA PRO A 345 -17.85 2.07 -7.25
C PRO A 345 -18.20 2.52 -5.84
N VAL A 346 -17.58 1.86 -4.86
CA VAL A 346 -17.73 2.18 -3.45
C VAL A 346 -16.35 2.35 -2.87
N ARG A 347 -16.16 3.40 -2.09
CA ARG A 347 -14.90 3.66 -1.41
C ARG A 347 -15.18 3.86 0.07
N LEU A 348 -14.36 3.23 0.91
CA LEU A 348 -14.53 3.28 2.35
C LEU A 348 -13.18 3.59 2.96
N VAL A 349 -13.16 4.54 3.88
CA VAL A 349 -11.93 4.92 4.58
C VAL A 349 -12.16 4.76 6.07
N LEU A 350 -11.25 4.04 6.72
CA LEU A 350 -11.40 3.67 8.12
C LEU A 350 -10.42 4.45 9.00
N GLU A 351 -10.85 4.78 10.22
CA GLU A 351 -10.06 5.64 11.09
C GLU A 351 -9.06 4.82 11.92
N THR A 352 -8.07 5.53 12.42
CA THR A 352 -7.00 5.00 13.25
C THR A 352 -7.08 5.63 14.64
N HIS A 353 -6.33 5.04 15.57
CA HIS A 353 -6.09 5.68 16.87
C HIS A 353 -4.69 5.34 17.35
N LEU A 354 -4.15 6.17 18.24
CA LEU A 354 -2.83 5.96 18.79
C LEU A 354 -2.87 5.10 20.04
N MET A 355 -2.01 4.10 20.09
CA MET A 355 -1.80 3.27 21.27
C MET A 355 -0.48 3.67 21.94
N VAL A 356 -0.58 4.22 23.14
CA VAL A 356 0.57 4.81 23.82
C VAL A 356 1.26 3.74 24.67
N ARG A 357 2.57 3.62 24.49
CA ARG A 357 3.41 2.76 25.32
C ARG A 357 4.60 3.62 25.77
N GLU A 358 5.69 2.96 26.15
CA GLU A 358 6.83 3.65 26.75
C GLU A 358 7.71 4.40 25.77
N SER A 359 7.74 4.02 24.48
CA SER A 359 8.80 4.52 23.61
C SER A 359 8.58 5.96 23.14
N GLY A 360 7.37 6.47 23.27
CA GLY A 360 7.04 7.78 22.79
C GLY A 360 5.63 8.25 23.05
#